data_5AJA
#
_entry.id   5AJA
#
_cell.length_a   102.021
_cell.length_b   102.021
_cell.length_c   265.001
_cell.angle_alpha   90.00
_cell.angle_beta   90.00
_cell.angle_gamma   120.00
#
_symmetry.space_group_name_H-M   'P 65 2 2'
#
loop_
_entity.id
_entity.type
_entity.pdbx_description
1 polymer 'PROTEIN VPRBP'
2 polymer 'VPX PROTEIN'
3 polymer 'SAM DOMAIN AND HD DOMAIN-CONTAINING PROTEIN'
4 non-polymer 'ZINC ION'
5 water water
#
loop_
_entity_poly.entity_id
_entity_poly.type
_entity_poly.pdbx_seq_one_letter_code
_entity_poly.pdbx_strand_id
1 'polypeptide(L)'
;MASFPKYGGVDGGCFDRHLIFSRFRPISVFREANEDESGFTCCAFSARERFLMLGTCTGQLKLYNVFSGQEEASYNCHNS
AITHLEPSRDGSLLLTSATWSQPLSALWGMKSVFDMKHSFTEDHYVEFSKHSQDRVIGTKGDIAHIYDIQTGNKLLTLFN
PDLANNYKRNCATFNPTDDLVLNDGVLWDVRSAQAIHKFDKFNMNISGVFHPNGLEVIINTEIWDLRTFHLLHTVPALDQ
CRVVFNHTGTVMYGAMLQADDEDDLMEERMKSPFGSSFRTFNATDYKPIATIDVKRNIFDLCTDTKDCYLAVIENQGSMD
ALNMDTVCRLYEVGRQRLAEELALVPRGSSAHHHHHHHHHH
;
A
2 'polypeptide(L)'
;GPGMAERAPEAPEGAGEVGLEQWLETSLERINREARLHFHPEFLFRLWNTCVEHWHDRHQRSLDYAKYRYLLLMHKAMYT
HMQQGCPCRNGRPRGPPPPGMA
;
B
3 'polypeptide(L)'
;GPGMQQADSDQPSKRPRFDDSPRTPSSTPSAEADCSPGVELHPDYKTWGPEQVCFFLRRGGFGEPALLKNIRENKITGAL
LPCLDESHFENLGVSSLGERKKLLSYIQRSGQIHVDT
;
C
#
loop_
_chem_comp.id
_chem_comp.type
_chem_comp.name
_chem_comp.formula
ZN non-polymer 'ZINC ION' 'Zn 2'
#
# COMPACT_ATOMS: atom_id res chain seq x y z
N LEU A 19 -27.87 16.08 -2.11
CA LEU A 19 -27.50 15.26 -0.97
C LEU A 19 -27.88 13.80 -1.19
N ILE A 20 -27.59 13.30 -2.40
CA ILE A 20 -27.78 11.89 -2.72
C ILE A 20 -26.54 11.09 -2.32
N PHE A 21 -25.50 11.81 -1.86
CA PHE A 21 -24.25 11.20 -1.42
C PHE A 21 -24.31 10.81 0.04
N SER A 22 -25.48 10.31 0.43
CA SER A 22 -25.76 9.88 1.79
C SER A 22 -26.08 8.39 1.76
N ARG A 23 -26.25 7.86 0.55
CA ARG A 23 -26.63 6.47 0.34
C ARG A 23 -25.68 5.75 -0.63
N PHE A 24 -25.23 4.57 -0.21
CA PHE A 24 -24.37 3.71 -1.05
C PHE A 24 -24.79 2.23 -0.90
N ARG A 25 -25.06 1.55 -2.01
CA ARG A 25 -25.43 0.14 -1.92
C ARG A 25 -24.38 -0.73 -2.59
N PRO A 26 -23.71 -1.58 -1.81
CA PRO A 26 -22.78 -2.58 -2.34
C PRO A 26 -23.50 -3.41 -3.40
N ILE A 27 -22.91 -3.54 -4.59
CA ILE A 27 -23.53 -4.32 -5.65
C ILE A 27 -22.63 -5.42 -6.21
N SER A 28 -21.31 -5.23 -6.09
CA SER A 28 -20.35 -6.15 -6.70
C SER A 28 -19.11 -6.30 -5.84
N VAL A 29 -18.43 -7.42 -5.94
CA VAL A 29 -17.12 -7.59 -5.26
C VAL A 29 -16.09 -8.20 -6.20
N PHE A 30 -14.87 -7.66 -6.19
CA PHE A 30 -13.78 -8.23 -6.97
C PHE A 30 -12.71 -8.86 -6.07
N ARG A 31 -12.40 -10.12 -6.32
CA ARG A 31 -11.22 -10.76 -5.73
C ARG A 31 -10.17 -11.10 -6.79
N GLU A 32 -8.92 -11.19 -6.36
CA GLU A 32 -7.86 -11.76 -7.18
C GLU A 32 -8.18 -13.22 -7.42
N ALA A 33 -8.14 -13.61 -8.69
CA ALA A 33 -8.77 -14.84 -9.13
C ALA A 33 -7.88 -16.06 -9.00
N ASN A 34 -6.59 -15.83 -8.82
CA ASN A 34 -5.61 -16.90 -8.87
C ASN A 34 -4.89 -17.03 -7.53
N GLU A 35 -5.48 -16.46 -6.47
CA GLU A 35 -4.81 -16.36 -5.18
C GLU A 35 -5.75 -16.82 -4.07
N ASP A 36 -5.20 -17.42 -3.01
CA ASP A 36 -6.00 -17.74 -1.84
C ASP A 36 -6.45 -16.49 -1.06
N GLU A 37 -5.62 -15.45 -1.10
CA GLU A 37 -5.81 -14.22 -0.36
C GLU A 37 -5.69 -13.06 -1.35
N SER A 38 -6.69 -12.18 -1.43
CA SER A 38 -6.61 -11.06 -2.36
C SER A 38 -5.75 -9.99 -1.74
N GLY A 39 -5.06 -9.23 -2.58
CA GLY A 39 -4.16 -8.23 -2.06
C GLY A 39 -4.20 -7.01 -2.91
N PHE A 40 -5.41 -6.56 -3.21
CA PHE A 40 -5.57 -5.26 -3.82
C PHE A 40 -5.06 -4.19 -2.85
N THR A 41 -4.31 -3.24 -3.38
CA THR A 41 -3.86 -2.12 -2.60
C THR A 41 -4.26 -0.79 -3.24
N CYS A 42 -4.88 -0.84 -4.42
CA CYS A 42 -5.13 0.38 -5.18
C CYS A 42 -6.18 0.19 -6.28
N CYS A 43 -6.90 1.26 -6.61
CA CYS A 43 -7.94 1.19 -7.62
C CYS A 43 -8.07 2.49 -8.40
N ALA A 44 -8.41 2.37 -9.67
CA ALA A 44 -8.71 3.52 -10.51
C ALA A 44 -9.50 3.01 -11.69
N PHE A 45 -10.58 3.70 -12.04
CA PHE A 45 -11.32 3.38 -13.28
C PHE A 45 -10.44 3.75 -14.48
N SER A 46 -10.59 2.98 -15.56
CA SER A 46 -9.84 3.22 -16.79
C SER A 46 -10.36 4.48 -17.48
N ALA A 47 -9.59 5.03 -18.41
CA ALA A 47 -9.96 6.27 -19.12
C ALA A 47 -11.43 6.26 -19.56
N ARG A 48 -11.86 5.21 -20.23
CA ARG A 48 -13.25 5.12 -20.65
C ARG A 48 -14.09 4.25 -19.71
N GLU A 49 -13.61 4.06 -18.48
CA GLU A 49 -14.37 3.46 -17.38
C GLU A 49 -15.01 2.09 -17.67
N ARG A 50 -14.56 1.42 -18.72
CA ARG A 50 -14.99 0.04 -18.97
C ARG A 50 -14.35 -0.87 -17.95
N PHE A 51 -13.16 -0.48 -17.51
CA PHE A 51 -12.36 -1.30 -16.61
C PHE A 51 -12.10 -0.67 -15.24
N LEU A 52 -12.09 -1.53 -14.23
CA LEU A 52 -11.56 -1.15 -12.94
C LEU A 52 -10.14 -1.67 -12.91
N MET A 53 -9.17 -0.76 -12.80
CA MET A 53 -7.76 -1.13 -12.71
C MET A 53 -7.37 -1.26 -11.24
N LEU A 54 -7.01 -2.47 -10.84
CA LEU A 54 -6.68 -2.77 -9.46
C LEU A 54 -5.20 -3.14 -9.28
N GLY A 55 -4.49 -2.41 -8.42
CA GLY A 55 -3.09 -2.68 -8.16
C GLY A 55 -3.02 -3.64 -7.00
N THR A 56 -1.95 -4.41 -6.93
CA THR A 56 -1.86 -5.48 -5.94
C THR A 56 -0.63 -5.28 -5.10
N CYS A 57 -0.57 -6.01 -3.99
CA CYS A 57 0.48 -5.77 -3.03
C CYS A 57 1.83 -6.29 -3.50
N THR A 58 1.87 -7.09 -4.56
CA THR A 58 3.17 -7.58 -5.06
C THR A 58 3.66 -6.83 -6.27
N GLY A 59 2.87 -5.90 -6.76
CA GLY A 59 3.34 -5.11 -7.89
C GLY A 59 2.54 -5.32 -9.16
N GLN A 60 1.56 -6.22 -9.12
CA GLN A 60 0.81 -6.49 -10.32
C GLN A 60 -0.27 -5.46 -10.52
N LEU A 61 -0.65 -5.29 -11.78
CA LEU A 61 -1.81 -4.51 -12.15
C LEU A 61 -2.84 -5.47 -12.75
N LYS A 62 -4.10 -5.32 -12.40
CA LYS A 62 -5.11 -6.23 -12.91
C LYS A 62 -6.32 -5.43 -13.37
N LEU A 63 -6.78 -5.71 -14.60
CA LEU A 63 -7.95 -5.02 -15.14
C LEU A 63 -9.17 -5.90 -15.01
N TYR A 64 -10.17 -5.43 -14.30
CA TYR A 64 -11.45 -6.12 -14.26
C TYR A 64 -12.51 -5.34 -15.05
N ASN A 65 -13.25 -6.07 -15.87
CA ASN A 65 -14.43 -5.57 -16.57
C ASN A 65 -15.50 -5.20 -15.55
N VAL A 66 -15.91 -3.93 -15.48
CA VAL A 66 -16.81 -3.53 -14.40
C VAL A 66 -18.18 -4.21 -14.54
N PHE A 67 -18.69 -4.25 -15.76
CA PHE A 67 -19.98 -4.91 -16.02
C PHE A 67 -19.92 -6.43 -15.79
N SER A 68 -19.10 -7.14 -16.56
CA SER A 68 -18.97 -8.59 -16.43
C SER A 68 -18.37 -9.05 -15.10
N GLY A 69 -17.48 -8.26 -14.52
CA GLY A 69 -16.87 -8.60 -13.24
C GLY A 69 -15.65 -9.48 -13.32
N GLN A 70 -15.20 -9.79 -14.54
CA GLN A 70 -14.11 -10.74 -14.76
C GLN A 70 -12.76 -10.09 -15.02
N GLU A 71 -11.70 -10.79 -14.63
CA GLU A 71 -10.32 -10.35 -14.88
C GLU A 71 -10.03 -10.45 -16.38
N GLU A 72 -9.78 -9.30 -17.00
CA GLU A 72 -9.59 -9.22 -18.45
C GLU A 72 -8.13 -9.08 -18.83
N ALA A 73 -7.28 -8.76 -17.85
CA ALA A 73 -5.85 -8.58 -18.12
C ALA A 73 -5.06 -8.52 -16.82
N SER A 74 -3.79 -8.91 -16.91
CA SER A 74 -2.88 -8.85 -15.78
C SER A 74 -1.48 -8.46 -16.25
N TYR A 75 -0.91 -7.46 -15.58
CA TYR A 75 0.44 -7.00 -15.88
C TYR A 75 1.32 -6.98 -14.64
N ASN A 76 2.61 -7.07 -14.88
CA ASN A 76 3.62 -7.03 -13.84
C ASN A 76 4.37 -5.72 -13.95
N CYS A 77 4.23 -4.87 -12.94
CA CYS A 77 4.67 -3.50 -13.00
C CYS A 77 5.81 -3.18 -12.04
N HIS A 78 5.63 -3.54 -10.77
CA HIS A 78 6.67 -3.29 -9.79
C HIS A 78 6.93 -4.51 -8.92
N ASN A 79 7.89 -4.34 -8.03
CA ASN A 79 8.37 -5.34 -7.08
C ASN A 79 7.93 -5.03 -5.67
N SER A 80 6.89 -4.22 -5.55
CA SER A 80 6.31 -3.89 -4.25
C SER A 80 4.89 -3.39 -4.48
N ALA A 81 4.15 -3.14 -3.41
CA ALA A 81 2.72 -2.89 -3.53
C ALA A 81 2.40 -1.64 -4.33
N ILE A 82 1.36 -1.70 -5.16
CA ILE A 82 0.97 -0.51 -5.92
C ILE A 82 0.24 0.48 -5.01
N THR A 83 0.72 1.72 -5.02
CA THR A 83 0.16 2.76 -4.17
C THR A 83 -0.63 3.82 -4.93
N HIS A 84 -0.51 3.86 -6.26
CA HIS A 84 -1.19 4.89 -7.02
C HIS A 84 -1.32 4.52 -8.52
N LEU A 85 -2.46 4.86 -9.09
CA LEU A 85 -2.80 4.55 -10.47
C LEU A 85 -3.44 5.76 -11.07
N GLU A 86 -2.91 6.27 -12.17
CA GLU A 86 -3.62 7.34 -12.86
C GLU A 86 -3.53 7.11 -14.34
N PRO A 87 -4.64 6.72 -14.95
CA PRO A 87 -4.72 6.72 -16.41
C PRO A 87 -4.81 8.15 -16.94
N SER A 88 -4.33 8.36 -18.16
CA SER A 88 -4.52 9.64 -18.81
C SER A 88 -5.89 9.62 -19.45
N ARG A 89 -6.52 10.79 -19.55
CA ARG A 89 -7.86 10.91 -20.08
C ARG A 89 -8.03 10.29 -21.48
N ASP A 90 -6.94 10.27 -22.25
CA ASP A 90 -6.98 9.79 -23.64
C ASP A 90 -6.71 8.30 -23.80
N GLY A 91 -6.69 7.57 -22.70
CA GLY A 91 -6.36 6.16 -22.71
C GLY A 91 -5.02 5.82 -23.36
N SER A 92 -4.11 6.79 -23.44
CA SER A 92 -2.84 6.49 -24.08
C SER A 92 -1.87 5.94 -23.05
N LEU A 93 -1.95 6.50 -21.85
CA LEU A 93 -0.92 6.34 -20.84
C LEU A 93 -1.46 5.98 -19.45
N LEU A 94 -0.62 5.32 -18.67
CA LEU A 94 -0.92 5.02 -17.30
C LEU A 94 0.28 5.33 -16.45
N LEU A 95 0.07 6.12 -15.40
CA LEU A 95 1.05 6.29 -14.34
C LEU A 95 0.80 5.34 -13.17
N THR A 96 1.87 4.74 -12.66
CA THR A 96 1.82 3.88 -11.48
C THR A 96 2.86 4.31 -10.46
N SER A 97 2.61 4.00 -9.19
CA SER A 97 3.65 4.13 -8.16
C SER A 97 3.63 2.90 -7.27
N ALA A 98 4.81 2.53 -6.79
CA ALA A 98 4.97 1.37 -5.92
C ALA A 98 5.18 1.81 -4.48
N THR A 99 5.71 0.93 -3.66
CA THR A 99 5.88 1.24 -2.27
C THR A 99 7.31 1.50 -1.88
N TRP A 100 8.20 0.58 -2.18
CA TRP A 100 9.57 0.72 -1.80
C TRP A 100 10.59 0.18 -2.73
N SER A 101 10.20 -0.26 -3.90
CA SER A 101 11.11 -0.94 -4.77
C SER A 101 11.38 -0.05 -5.94
N GLN A 102 12.62 0.01 -6.39
CA GLN A 102 12.94 0.92 -7.49
C GLN A 102 12.81 0.16 -8.77
N PRO A 103 12.31 0.82 -9.83
CA PRO A 103 11.83 2.21 -9.85
C PRO A 103 10.48 2.36 -9.17
N LEU A 104 10.34 3.42 -8.38
CA LEU A 104 9.16 3.63 -7.55
C LEU A 104 7.93 4.01 -8.35
N SER A 105 8.13 4.76 -9.43
CA SER A 105 7.03 5.13 -10.32
C SER A 105 7.42 4.85 -11.76
N ALA A 106 6.44 4.82 -12.64
CA ALA A 106 6.72 4.56 -14.05
C ALA A 106 5.56 5.05 -14.91
N LEU A 107 5.84 5.27 -16.19
CA LEU A 107 4.78 5.63 -17.13
C LEU A 107 4.64 4.50 -18.15
N TRP A 108 3.41 4.05 -18.37
CA TRP A 108 3.17 2.89 -19.24
C TRP A 108 2.28 3.23 -20.43
N GLY A 109 2.54 2.55 -21.56
CA GLY A 109 1.69 2.66 -22.73
C GLY A 109 0.45 1.79 -22.62
N MET A 110 -0.67 2.26 -23.13
CA MET A 110 -1.93 1.53 -22.99
C MET A 110 -2.65 1.18 -24.29
N LYS A 111 -2.06 1.48 -25.45
CA LYS A 111 -2.84 1.50 -26.68
C LYS A 111 -2.82 0.20 -27.50
N SER A 112 -1.68 -0.50 -27.54
CA SER A 112 -1.66 -1.80 -28.20
C SER A 112 -1.05 -2.84 -27.27
N VAL A 113 0.24 -2.67 -26.99
CA VAL A 113 0.94 -3.52 -26.06
C VAL A 113 1.33 -2.71 -24.82
N PHE A 114 1.17 -3.33 -23.65
CA PHE A 114 1.58 -2.73 -22.38
C PHE A 114 3.12 -2.70 -22.24
N ASP A 115 3.70 -1.52 -22.40
CA ASP A 115 5.14 -1.35 -22.28
C ASP A 115 5.47 -0.17 -21.37
N MET A 116 6.64 -0.21 -20.75
CA MET A 116 7.07 0.90 -19.91
C MET A 116 7.72 1.96 -20.78
N LYS A 117 7.11 3.14 -20.81
CA LYS A 117 7.67 4.28 -21.54
C LYS A 117 8.83 4.94 -20.79
N HIS A 118 8.66 5.20 -19.50
CA HIS A 118 9.69 5.86 -18.69
C HIS A 118 9.59 5.42 -17.23
N SER A 119 10.72 5.36 -16.54
CA SER A 119 10.68 5.13 -15.12
C SER A 119 11.13 6.39 -14.36
N PHE A 120 10.62 6.56 -13.15
CA PHE A 120 11.03 7.67 -12.28
C PHE A 120 11.53 7.03 -11.01
N THR A 121 12.79 6.65 -11.05
CA THR A 121 13.41 5.74 -10.11
C THR A 121 13.10 6.07 -8.68
N GLU A 122 13.27 7.33 -8.31
CA GLU A 122 13.22 7.69 -6.90
C GLU A 122 11.96 8.43 -6.48
N ASP A 123 11.07 8.66 -7.44
CA ASP A 123 9.81 9.35 -7.18
C ASP A 123 8.73 8.40 -6.65
N HIS A 124 8.36 8.58 -5.38
CA HIS A 124 7.45 7.65 -4.72
C HIS A 124 5.99 8.02 -4.99
N TYR A 125 5.79 9.11 -5.73
CA TYR A 125 4.45 9.49 -6.15
C TYR A 125 4.53 10.34 -7.43
N VAL A 126 3.65 10.07 -8.39
CA VAL A 126 3.59 10.83 -9.64
C VAL A 126 2.16 11.15 -10.04
N GLU A 127 1.98 12.24 -10.78
CA GLU A 127 0.68 12.52 -11.39
C GLU A 127 0.82 13.39 -12.64
N PHE A 128 -0.15 13.29 -13.54
CA PHE A 128 -0.21 14.12 -14.74
C PHE A 128 -0.56 15.58 -14.41
N SER A 129 -0.02 16.49 -15.21
CA SER A 129 -0.55 17.84 -15.23
C SER A 129 -2.04 17.73 -15.54
N LYS A 130 -2.80 18.73 -15.12
CA LYS A 130 -4.25 18.63 -15.10
C LYS A 130 -4.91 19.06 -16.40
N HIS A 131 -4.59 20.25 -16.88
CA HIS A 131 -5.32 20.81 -18.01
C HIS A 131 -4.91 20.13 -19.31
N SER A 132 -3.66 20.32 -19.70
CA SER A 132 -3.10 19.55 -20.77
C SER A 132 -2.20 18.50 -20.16
N GLN A 133 -2.56 17.23 -20.33
CA GLN A 133 -1.79 16.16 -19.73
C GLN A 133 -0.55 15.83 -20.56
N ASP A 134 0.42 16.74 -20.55
CA ASP A 134 1.65 16.64 -21.32
C ASP A 134 2.86 16.55 -20.41
N ARG A 135 2.64 16.66 -19.10
CA ARG A 135 3.73 16.65 -18.13
C ARG A 135 3.40 15.69 -16.98
N VAL A 136 4.44 15.14 -16.38
CA VAL A 136 4.29 14.36 -15.16
C VAL A 136 5.00 15.10 -14.03
N ILE A 137 4.33 15.27 -12.89
CA ILE A 137 5.01 15.82 -11.73
C ILE A 137 5.23 14.72 -10.73
N GLY A 138 6.48 14.52 -10.33
CA GLY A 138 6.83 13.45 -9.43
C GLY A 138 7.32 13.97 -8.10
N THR A 139 7.35 13.13 -7.09
CA THR A 139 7.79 13.57 -5.76
C THR A 139 8.81 12.61 -5.15
N LYS A 140 9.97 13.15 -4.82
CA LYS A 140 11.00 12.47 -4.05
C LYS A 140 11.21 13.22 -2.74
N GLY A 141 10.70 12.69 -1.64
CA GLY A 141 10.71 13.40 -0.38
C GLY A 141 10.12 14.82 -0.46
N ASP A 142 10.95 15.82 -0.19
CA ASP A 142 10.50 17.21 -0.18
C ASP A 142 10.66 17.84 -1.54
N ILE A 143 11.33 17.13 -2.44
CA ILE A 143 11.56 17.67 -3.76
C ILE A 143 10.46 17.28 -4.74
N ALA A 144 10.01 18.24 -5.54
CA ALA A 144 9.14 17.94 -6.66
C ALA A 144 9.93 18.03 -7.99
N HIS A 145 9.64 17.10 -8.91
CA HIS A 145 10.21 17.09 -10.25
C HIS A 145 9.13 17.19 -11.31
N ILE A 146 9.42 17.93 -12.37
CA ILE A 146 8.45 18.02 -13.46
C ILE A 146 9.08 17.45 -14.72
N TYR A 147 8.47 16.38 -15.23
CA TYR A 147 9.02 15.67 -16.39
C TYR A 147 8.19 15.92 -17.65
N ASP A 148 8.84 15.91 -18.81
CA ASP A 148 8.12 15.98 -20.07
C ASP A 148 7.70 14.57 -20.47
N ILE A 149 6.46 14.42 -20.95
CA ILE A 149 5.91 13.08 -21.18
C ILE A 149 6.54 12.38 -22.38
N GLN A 150 6.73 13.11 -23.48
CA GLN A 150 7.30 12.53 -24.69
C GLN A 150 8.76 12.10 -24.51
N THR A 151 9.60 12.96 -23.94
CA THR A 151 11.03 12.66 -23.81
C THR A 151 11.41 12.02 -22.48
N GLY A 152 10.60 12.23 -21.45
CA GLY A 152 10.93 11.74 -20.12
C GLY A 152 11.98 12.57 -19.40
N ASN A 153 12.43 13.67 -20.03
CA ASN A 153 13.40 14.57 -19.43
C ASN A 153 12.85 15.38 -18.24
N LYS A 154 13.71 15.57 -17.24
CA LYS A 154 13.37 16.44 -16.12
C LYS A 154 13.39 17.90 -16.57
N LEU A 155 12.22 18.53 -16.61
CA LEU A 155 12.10 19.92 -17.06
C LEU A 155 12.52 20.87 -15.96
N LEU A 156 12.04 20.65 -14.74
CA LEU A 156 12.58 21.40 -13.62
C LEU A 156 12.43 20.73 -12.26
N THR A 157 13.21 21.23 -11.32
CA THR A 157 13.23 20.75 -9.95
C THR A 157 12.78 21.87 -9.01
N LEU A 158 11.70 21.64 -8.26
CA LEU A 158 11.18 22.65 -7.32
C LEU A 158 11.57 22.30 -5.90
N PHE A 159 12.56 22.99 -5.37
CA PHE A 159 12.92 22.79 -3.97
C PHE A 159 13.50 24.06 -3.38
N ASN A 160 12.88 24.49 -2.28
CA ASN A 160 13.35 25.63 -1.51
C ASN A 160 13.57 25.19 -0.07
N PRO A 161 14.84 25.06 0.31
CA PRO A 161 15.20 24.53 1.64
C PRO A 161 14.66 25.41 2.78
N ASP A 162 14.60 26.72 2.55
CA ASP A 162 14.13 27.65 3.56
C ASP A 162 12.65 27.49 3.89
N LEU A 163 11.86 27.19 2.86
CA LEU A 163 10.41 27.16 3.00
C LEU A 163 9.83 25.80 3.33
N ALA A 164 10.64 24.76 3.26
CA ALA A 164 10.19 23.39 3.47
C ALA A 164 9.38 23.17 4.76
N ASN A 165 8.29 22.41 4.66
CA ASN A 165 7.55 21.98 5.83
C ASN A 165 7.90 20.54 6.27
N ASN A 166 8.56 19.80 5.38
CA ASN A 166 8.98 18.40 5.61
C ASN A 166 7.86 17.44 5.95
N TYR A 167 6.70 17.63 5.32
CA TYR A 167 5.57 16.71 5.45
C TYR A 167 5.92 15.25 5.12
N LYS A 168 5.50 14.35 5.98
CA LYS A 168 5.87 12.94 5.81
C LYS A 168 5.14 12.26 4.66
N ARG A 169 4.03 12.85 4.21
CA ARG A 169 3.24 12.28 3.11
C ARG A 169 3.09 13.25 1.97
N ASN A 170 4.20 13.90 1.63
CA ASN A 170 4.19 14.95 0.64
C ASN A 170 3.91 14.46 -0.79
N CYS A 171 2.85 14.98 -1.39
CA CYS A 171 2.58 14.75 -2.82
C CYS A 171 2.43 16.06 -3.55
N ALA A 172 3.41 16.36 -4.40
CA ALA A 172 3.37 17.56 -5.22
C ALA A 172 2.29 17.43 -6.29
N THR A 173 1.69 18.56 -6.64
CA THR A 173 0.53 18.55 -7.50
C THR A 173 0.32 19.90 -8.25
N PHE A 174 -0.14 19.80 -9.49
CA PHE A 174 -0.49 20.96 -10.30
C PHE A 174 -1.88 21.49 -9.95
N ASN A 175 -2.06 22.79 -10.04
CA ASN A 175 -3.39 23.38 -9.94
C ASN A 175 -4.13 23.11 -11.25
N PRO A 176 -5.47 23.29 -11.28
CA PRO A 176 -6.23 22.90 -12.48
C PRO A 176 -5.67 23.43 -13.81
N THR A 177 -5.08 24.62 -13.81
CA THR A 177 -4.60 25.26 -15.05
C THR A 177 -3.10 25.07 -15.36
N ASP A 178 -2.40 24.29 -14.53
CA ASP A 178 -0.97 24.01 -14.66
C ASP A 178 -0.02 25.22 -14.43
N ASP A 179 -0.60 26.38 -14.12
CA ASP A 179 0.12 27.60 -13.65
C ASP A 179 0.92 27.42 -12.38
N LEU A 180 0.34 26.70 -11.42
CA LEU A 180 0.85 26.59 -10.06
C LEU A 180 1.11 25.15 -9.63
N VAL A 181 2.05 24.98 -8.70
CA VAL A 181 2.35 23.70 -8.08
C VAL A 181 2.33 23.84 -6.56
N LEU A 182 1.68 22.90 -5.89
CA LEU A 182 1.75 22.84 -4.44
C LEU A 182 2.74 21.72 -4.08
N ASN A 183 3.83 22.07 -3.40
CA ASN A 183 4.77 21.04 -3.00
C ASN A 183 5.28 21.26 -1.58
N ASP A 184 4.97 20.31 -0.71
CA ASP A 184 5.39 20.35 0.68
C ASP A 184 4.86 21.62 1.34
N GLY A 185 3.61 21.96 1.02
CA GLY A 185 2.95 23.12 1.59
C GLY A 185 3.43 24.45 1.04
N VAL A 186 4.30 24.40 0.04
CA VAL A 186 4.75 25.61 -0.63
C VAL A 186 4.08 25.80 -2.01
N LEU A 187 3.65 27.03 -2.29
CA LEU A 187 3.01 27.38 -3.57
C LEU A 187 4.03 27.89 -4.57
N TRP A 188 4.14 27.19 -5.69
CA TRP A 188 5.13 27.56 -6.71
C TRP A 188 4.44 28.12 -7.91
N ASP A 189 4.99 29.21 -8.45
CA ASP A 189 4.60 29.69 -9.76
C ASP A 189 5.48 28.97 -10.76
N VAL A 190 4.86 28.25 -11.69
CA VAL A 190 5.60 27.38 -12.58
C VAL A 190 6.44 28.17 -13.57
N ARG A 191 5.91 29.23 -14.17
CA ARG A 191 6.67 29.83 -15.26
C ARG A 191 7.83 30.68 -14.73
N SER A 192 7.77 31.18 -13.51
CA SER A 192 8.96 31.80 -12.93
C SER A 192 9.80 30.78 -12.14
N ALA A 193 9.25 29.59 -11.95
CA ALA A 193 9.91 28.54 -11.18
C ALA A 193 10.36 29.03 -9.80
N GLN A 194 9.47 29.74 -9.10
CA GLN A 194 9.80 30.33 -7.80
C GLN A 194 8.67 30.18 -6.79
N ALA A 195 9.03 29.88 -5.55
CA ALA A 195 8.07 29.86 -4.44
C ALA A 195 7.44 31.22 -4.30
N ILE A 196 6.11 31.28 -4.22
CA ILE A 196 5.46 32.57 -3.96
C ILE A 196 4.75 32.64 -2.59
N HIS A 197 4.61 31.48 -1.94
CA HIS A 197 4.01 31.43 -0.62
C HIS A 197 4.29 30.12 0.10
N LYS A 198 4.68 30.20 1.36
CA LYS A 198 4.70 29.02 2.20
C LYS A 198 3.47 29.03 3.11
N PHE A 199 2.68 27.97 3.10
CA PHE A 199 1.57 27.87 4.04
C PHE A 199 2.13 27.33 5.34
N ASP A 200 1.78 27.96 6.44
CA ASP A 200 2.28 27.54 7.74
C ASP A 200 1.87 26.11 8.03
N LYS A 201 2.66 25.45 8.86
CA LYS A 201 2.50 24.02 9.11
C LYS A 201 1.64 23.72 10.34
N PHE A 202 0.57 22.95 10.17
CA PHE A 202 -0.31 22.63 11.29
C PHE A 202 -0.51 21.11 11.48
N ASN A 203 0.11 20.30 10.63
CA ASN A 203 0.20 18.85 10.89
C ASN A 203 1.54 18.33 10.35
N MET A 204 1.81 17.05 10.53
CA MET A 204 3.12 16.49 10.19
C MET A 204 3.13 15.74 8.86
N ASN A 205 1.94 15.46 8.32
CA ASN A 205 1.79 14.45 7.26
C ASN A 205 1.21 14.94 5.95
N ILE A 206 0.03 15.55 6.00
CA ILE A 206 -0.69 15.96 4.80
C ILE A 206 -0.09 17.24 4.24
N SER A 207 0.25 17.22 2.95
CA SER A 207 0.88 18.38 2.32
C SER A 207 -0.17 19.23 1.61
N GLY A 208 -1.28 18.61 1.20
CA GLY A 208 -2.35 19.38 0.61
C GLY A 208 -2.61 19.26 -0.88
N VAL A 209 -3.64 19.96 -1.31
CA VAL A 209 -4.34 19.69 -2.57
C VAL A 209 -5.08 20.94 -3.03
N PHE A 210 -5.23 21.10 -4.34
CA PHE A 210 -6.03 22.19 -4.88
C PHE A 210 -7.49 21.81 -4.99
N HIS A 211 -8.38 22.72 -4.60
CA HIS A 211 -9.77 22.58 -4.97
C HIS A 211 -9.88 22.66 -6.48
N PRO A 212 -10.65 21.76 -7.10
CA PRO A 212 -10.90 21.79 -8.55
C PRO A 212 -11.38 23.15 -9.09
N ASN A 213 -11.93 24.00 -8.23
CA ASN A 213 -12.42 25.30 -8.69
C ASN A 213 -11.28 26.29 -8.93
N GLY A 214 -10.05 25.87 -8.62
CA GLY A 214 -8.89 26.72 -8.75
C GLY A 214 -8.85 27.94 -7.82
N LEU A 215 -9.67 27.95 -6.78
CA LEU A 215 -9.75 29.15 -5.93
C LEU A 215 -9.17 28.91 -4.54
N GLU A 216 -9.32 27.69 -4.05
CA GLU A 216 -8.90 27.34 -2.69
C GLU A 216 -7.85 26.23 -2.67
N VAL A 217 -7.07 26.24 -1.60
CA VAL A 217 -6.13 25.17 -1.32
C VAL A 217 -6.57 24.47 -0.03
N ILE A 218 -6.61 23.15 -0.05
CA ILE A 218 -6.97 22.36 1.13
C ILE A 218 -5.77 21.64 1.74
N ILE A 219 -5.23 22.15 2.80
CA ILE A 219 -4.17 21.41 3.40
C ILE A 219 -4.70 20.84 4.69
N ASN A 220 -4.92 19.54 4.71
CA ASN A 220 -5.39 18.90 5.91
C ASN A 220 -6.70 19.49 6.39
N THR A 221 -6.74 19.93 7.64
CA THR A 221 -7.85 20.66 8.21
C THR A 221 -8.10 22.02 7.60
N GLU A 222 -7.05 22.69 7.17
CA GLU A 222 -7.14 24.10 6.81
C GLU A 222 -7.46 24.29 5.34
N ILE A 223 -8.47 25.11 5.07
CA ILE A 223 -8.81 25.52 3.73
C ILE A 223 -8.35 26.96 3.52
N TRP A 224 -7.45 27.17 2.56
CA TRP A 224 -6.93 28.51 2.31
C TRP A 224 -7.47 29.11 1.02
N ASP A 225 -7.51 30.44 0.97
CA ASP A 225 -7.94 31.13 -0.25
C ASP A 225 -6.71 31.54 -1.07
N LEU A 226 -6.66 31.16 -2.34
CA LEU A 226 -5.46 31.40 -3.15
C LEU A 226 -5.24 32.87 -3.47
N ARG A 227 -6.31 33.64 -3.64
CA ARG A 227 -6.14 35.04 -3.99
C ARG A 227 -5.53 35.84 -2.86
N THR A 228 -6.00 35.58 -1.63
CA THR A 228 -5.68 36.42 -0.48
C THR A 228 -4.81 35.74 0.56
N PHE A 229 -4.73 34.41 0.47
CA PHE A 229 -3.97 33.56 1.41
C PHE A 229 -4.55 33.59 2.83
N HIS A 230 -5.77 34.10 2.92
CA HIS A 230 -6.56 34.08 4.16
C HIS A 230 -7.14 32.71 4.39
N LEU A 231 -7.19 32.30 5.64
CA LEU A 231 -7.84 31.05 5.97
C LEU A 231 -9.35 31.22 5.79
N LEU A 232 -9.97 30.22 5.18
CA LEU A 232 -11.41 30.21 4.97
C LEU A 232 -12.12 29.37 6.01
N HIS A 233 -11.74 28.09 6.08
CA HIS A 233 -12.36 27.15 6.99
C HIS A 233 -11.32 26.31 7.68
N THR A 234 -11.66 25.85 8.86
CA THR A 234 -10.95 24.77 9.49
C THR A 234 -12.01 23.67 9.61
N VAL A 235 -11.63 22.45 9.25
CA VAL A 235 -12.58 21.34 9.16
C VAL A 235 -12.00 20.10 9.82
N PRO A 236 -12.26 19.93 11.13
CA PRO A 236 -11.57 18.88 11.89
C PRO A 236 -11.81 17.47 11.35
N ALA A 237 -12.92 17.22 10.66
CA ALA A 237 -13.21 15.89 10.12
C ALA A 237 -12.18 15.40 9.10
N LEU A 238 -11.49 16.35 8.47
CA LEU A 238 -10.56 16.03 7.40
C LEU A 238 -9.21 15.56 7.90
N ASP A 239 -9.01 15.55 9.21
CA ASP A 239 -7.68 15.30 9.75
C ASP A 239 -7.14 13.93 9.31
N GLN A 240 -5.97 13.98 8.66
CA GLN A 240 -5.24 12.80 8.18
C GLN A 240 -5.98 12.02 7.09
N CYS A 241 -6.99 12.64 6.49
CA CYS A 241 -7.80 11.99 5.47
C CYS A 241 -7.24 12.20 4.09
N ARG A 242 -7.16 11.13 3.33
CA ARG A 242 -6.88 11.22 1.90
C ARG A 242 -8.16 11.71 1.21
N VAL A 243 -8.06 12.83 0.48
CA VAL A 243 -9.25 13.49 -0.05
C VAL A 243 -9.47 13.25 -1.55
N VAL A 244 -10.71 13.00 -1.94
CA VAL A 244 -11.07 12.67 -3.32
C VAL A 244 -12.31 13.43 -3.80
N PHE A 245 -12.16 14.24 -4.84
CA PHE A 245 -13.29 14.94 -5.46
C PHE A 245 -13.99 14.11 -6.56
N ASN A 246 -15.32 14.20 -6.61
CA ASN A 246 -16.09 13.66 -7.72
C ASN A 246 -15.83 14.50 -8.96
N HIS A 247 -16.18 14.00 -10.13
CA HIS A 247 -15.74 14.63 -11.37
C HIS A 247 -16.13 16.10 -11.50
N THR A 248 -17.24 16.47 -10.90
CA THR A 248 -17.82 17.80 -11.09
C THR A 248 -17.39 18.78 -10.00
N GLY A 249 -16.63 18.29 -9.01
CA GLY A 249 -16.11 19.15 -7.96
C GLY A 249 -17.12 19.60 -6.93
N THR A 250 -18.15 18.80 -6.71
CA THR A 250 -19.22 19.17 -5.79
C THR A 250 -19.06 18.49 -4.42
N VAL A 251 -18.41 17.33 -4.41
CA VAL A 251 -18.30 16.50 -3.21
C VAL A 251 -16.88 16.04 -3.01
N MET A 252 -16.38 16.08 -1.78
CA MET A 252 -15.14 15.37 -1.49
C MET A 252 -15.44 14.15 -0.64
N TYR A 253 -14.93 13.01 -1.07
CA TYR A 253 -14.82 11.83 -0.23
C TYR A 253 -13.59 11.96 0.66
N GLY A 254 -13.61 11.33 1.83
CA GLY A 254 -12.47 11.37 2.75
C GLY A 254 -12.37 10.10 3.58
N ALA A 255 -11.19 9.54 3.65
CA ALA A 255 -10.97 8.33 4.43
C ALA A 255 -9.66 8.44 5.21
N MET A 256 -9.77 8.30 6.53
CA MET A 256 -8.63 8.47 7.42
C MET A 256 -7.51 7.46 7.15
N LEU A 257 -6.29 7.89 7.40
CA LEU A 257 -5.15 6.99 7.59
C LEU A 257 -4.31 7.59 8.71
N GLN A 258 -4.44 7.03 9.91
CA GLN A 258 -3.89 7.62 11.12
C GLN A 258 -2.37 7.62 11.19
N ALA A 259 -1.82 8.36 12.15
CA ALA A 259 -0.37 8.46 12.34
C ALA A 259 0.11 7.59 13.50
N LYS A 271 -2.89 -3.57 15.16
CA LYS A 271 -4.14 -2.87 14.84
C LYS A 271 -3.94 -1.94 13.64
N SER A 272 -4.87 -1.98 12.69
CA SER A 272 -4.68 -1.28 11.41
C SER A 272 -4.97 0.22 11.44
N PRO A 273 -4.07 1.01 10.84
CA PRO A 273 -4.18 2.48 10.82
C PRO A 273 -5.14 3.02 9.78
N PHE A 274 -5.77 2.14 9.00
CA PHE A 274 -6.72 2.61 8.01
C PHE A 274 -8.10 2.76 8.63
N GLY A 275 -8.76 3.88 8.30
CA GLY A 275 -10.10 4.11 8.76
C GLY A 275 -11.07 3.05 8.28
N SER A 276 -12.08 2.78 9.10
CA SER A 276 -13.07 1.76 8.80
C SER A 276 -14.24 2.35 8.02
N SER A 277 -14.11 3.64 7.69
CA SER A 277 -15.25 4.37 7.15
C SER A 277 -14.78 5.58 6.35
N PHE A 278 -15.66 6.08 5.50
CA PHE A 278 -15.36 7.29 4.75
C PHE A 278 -16.48 8.33 4.93
N ARG A 279 -16.09 9.59 4.92
CA ARG A 279 -17.06 10.66 5.06
C ARG A 279 -17.20 11.42 3.75
N THR A 280 -18.43 11.74 3.34
CA THR A 280 -18.60 12.68 2.23
C THR A 280 -18.91 14.09 2.77
N PHE A 281 -18.39 15.10 2.07
CA PHE A 281 -18.60 16.53 2.40
C PHE A 281 -19.08 17.28 1.15
N ASN A 282 -19.59 18.49 1.36
CA ASN A 282 -19.94 19.37 0.24
C ASN A 282 -18.77 20.30 -0.10
N ALA A 283 -18.27 20.22 -1.33
CA ALA A 283 -17.02 20.92 -1.68
C ALA A 283 -17.13 22.44 -1.74
N THR A 284 -18.36 22.95 -1.74
CA THR A 284 -18.54 24.40 -1.77
C THR A 284 -18.52 25.01 -0.36
N ASP A 285 -19.14 24.35 0.61
CA ASP A 285 -19.25 24.90 1.96
C ASP A 285 -18.53 24.08 3.04
N TYR A 286 -17.97 22.95 2.65
CA TYR A 286 -17.19 22.08 3.53
C TYR A 286 -18.00 21.54 4.72
N LYS A 287 -19.28 21.28 4.48
CA LYS A 287 -20.17 20.74 5.50
C LYS A 287 -20.46 19.27 5.21
N PRO A 288 -20.33 18.42 6.24
CA PRO A 288 -20.59 16.98 6.15
C PRO A 288 -21.89 16.65 5.47
N ILE A 289 -21.93 15.47 4.85
CA ILE A 289 -23.12 14.99 4.18
C ILE A 289 -23.45 13.59 4.71
N ALA A 290 -22.41 12.82 5.02
CA ALA A 290 -22.57 11.46 5.52
C ALA A 290 -21.31 10.93 6.16
N THR A 291 -21.46 9.83 6.90
CA THR A 291 -20.34 9.10 7.48
C THR A 291 -20.62 7.60 7.33
N ILE A 292 -20.03 7.01 6.31
CA ILE A 292 -20.34 5.65 5.86
C ILE A 292 -19.38 4.59 6.39
N ASP A 293 -19.90 3.59 7.10
CA ASP A 293 -19.06 2.53 7.68
C ASP A 293 -19.22 1.21 6.95
N VAL A 294 -18.14 0.76 6.31
CA VAL A 294 -18.17 -0.45 5.49
C VAL A 294 -17.74 -1.67 6.29
N LYS A 295 -17.45 -1.44 7.57
CA LYS A 295 -17.10 -2.47 8.53
C LYS A 295 -15.86 -3.24 8.07
N ARG A 296 -15.04 -2.56 7.28
CA ARG A 296 -13.75 -3.08 6.81
C ARG A 296 -12.74 -1.93 6.65
N ASN A 297 -11.47 -2.19 6.92
CA ASN A 297 -10.42 -1.20 6.70
C ASN A 297 -10.32 -0.74 5.24
N ILE A 298 -10.45 0.57 5.03
CA ILE A 298 -10.36 1.15 3.70
C ILE A 298 -8.91 1.47 3.29
N PHE A 299 -8.41 0.78 2.26
CA PHE A 299 -7.06 1.01 1.75
C PHE A 299 -7.02 2.16 0.76
N ASP A 300 -8.09 2.31 0.02
CA ASP A 300 -8.17 3.29 -1.05
C ASP A 300 -9.64 3.36 -1.50
N LEU A 301 -10.00 4.44 -2.16
CA LEU A 301 -11.28 4.49 -2.84
C LEU A 301 -11.15 5.35 -4.09
N CYS A 302 -12.10 5.20 -4.99
CA CYS A 302 -12.13 6.00 -6.21
C CYS A 302 -13.56 6.05 -6.76
N THR A 303 -13.81 6.98 -7.67
CA THR A 303 -15.14 7.15 -8.22
C THR A 303 -15.05 7.50 -9.69
N ASP A 304 -16.05 7.09 -10.45
CA ASP A 304 -16.08 7.37 -11.89
C ASP A 304 -16.52 8.81 -12.15
N THR A 305 -16.45 9.22 -13.42
CA THR A 305 -16.77 10.60 -13.79
C THR A 305 -18.27 10.84 -13.79
N LYS A 306 -19.04 9.85 -14.22
CA LYS A 306 -20.49 9.99 -14.30
C LYS A 306 -21.12 9.94 -12.91
N ASP A 307 -20.31 9.65 -11.90
CA ASP A 307 -20.75 9.53 -10.50
C ASP A 307 -21.83 8.48 -10.32
N CYS A 308 -21.57 7.27 -10.80
CA CYS A 308 -22.50 6.15 -10.63
C CYS A 308 -21.94 5.21 -9.59
N TYR A 309 -20.66 4.92 -9.72
CA TYR A 309 -20.02 3.89 -8.90
C TYR A 309 -18.98 4.47 -7.96
N LEU A 310 -18.83 3.82 -6.82
CA LEU A 310 -17.72 4.07 -5.93
C LEU A 310 -17.05 2.73 -5.62
N ALA A 311 -15.78 2.59 -6.00
CA ALA A 311 -15.00 1.39 -5.70
C ALA A 311 -14.17 1.60 -4.45
N VAL A 312 -14.23 0.65 -3.52
CA VAL A 312 -13.49 0.76 -2.27
C VAL A 312 -12.67 -0.52 -2.02
N ILE A 313 -11.35 -0.36 -1.87
CA ILE A 313 -10.50 -1.49 -1.52
C ILE A 313 -10.68 -1.78 -0.02
N GLU A 314 -11.28 -2.92 0.30
CA GLU A 314 -11.56 -3.26 1.69
C GLU A 314 -10.73 -4.42 2.22
N ASN A 315 -10.21 -4.24 3.42
CA ASN A 315 -9.29 -5.17 4.03
C ASN A 315 -9.88 -5.74 5.33
N GLN A 316 -9.67 -7.04 5.58
CA GLN A 316 -10.21 -7.67 6.78
C GLN A 316 -9.29 -7.46 7.96
N GLY A 317 -9.64 -6.48 8.79
CA GLY A 317 -8.84 -6.14 9.94
C GLY A 317 -8.92 -7.20 11.01
N SER A 318 -7.78 -7.46 11.63
CA SER A 318 -7.74 -8.40 12.74
C SER A 318 -6.54 -8.08 13.61
N MET A 319 -6.64 -8.47 14.88
CA MET A 319 -5.46 -8.54 15.72
C MET A 319 -4.61 -9.71 15.24
N ASP A 320 -5.24 -10.54 14.41
CA ASP A 320 -4.59 -11.69 13.78
C ASP A 320 -3.85 -11.33 12.50
N ALA A 321 -2.54 -11.51 12.53
CA ALA A 321 -1.68 -11.23 11.39
C ALA A 321 -2.12 -12.00 10.14
N LEU A 322 -2.62 -13.21 10.35
CA LEU A 322 -2.98 -14.14 9.28
C LEU A 322 -4.01 -13.63 8.29
N ASN A 323 -5.00 -12.90 8.79
CA ASN A 323 -6.06 -12.49 7.91
C ASN A 323 -5.80 -11.12 7.33
N MET A 324 -5.37 -11.10 6.07
CA MET A 324 -5.15 -9.85 5.38
C MET A 324 -5.80 -9.86 4.00
N ASP A 325 -6.91 -10.59 3.87
CA ASP A 325 -7.63 -10.67 2.59
C ASP A 325 -8.17 -9.29 2.23
N THR A 326 -7.82 -8.78 1.04
CA THR A 326 -8.22 -7.44 0.61
C THR A 326 -8.93 -7.43 -0.74
N VAL A 327 -10.18 -7.02 -0.75
CA VAL A 327 -10.98 -7.11 -1.97
C VAL A 327 -11.34 -5.72 -2.46
N CYS A 328 -12.02 -5.65 -3.58
CA CYS A 328 -12.54 -4.37 -4.04
C CYS A 328 -14.05 -4.49 -4.13
N ARG A 329 -14.76 -3.73 -3.30
CA ARG A 329 -16.21 -3.75 -3.32
C ARG A 329 -16.71 -2.55 -4.12
N LEU A 330 -17.65 -2.79 -5.03
CA LEU A 330 -18.20 -1.77 -5.88
C LEU A 330 -19.53 -1.27 -5.32
N TYR A 331 -19.65 0.05 -5.18
CA TYR A 331 -20.86 0.64 -4.64
C TYR A 331 -21.63 1.43 -5.67
N GLU A 332 -22.96 1.34 -5.59
CA GLU A 332 -23.84 2.18 -6.38
C GLU A 332 -24.19 3.43 -5.57
N VAL A 333 -23.79 4.61 -6.03
CA VAL A 333 -24.07 5.85 -5.30
C VAL A 333 -25.49 6.34 -5.56
N GLY A 334 -26.17 6.77 -4.50
CA GLY A 334 -27.57 7.17 -4.58
C GLY A 334 -28.51 6.13 -3.97
N ARG A 335 -28.22 4.84 -4.21
CA ARG A 335 -29.10 3.73 -3.82
C ARG A 335 -28.85 3.19 -2.39
N GLN A 336 -29.91 3.04 -1.62
CA GLN A 336 -29.81 2.49 -0.26
C GLN A 336 -29.73 0.95 -0.27
N ALA B 5 -15.22 -0.20 -28.82
CA ALA B 5 -15.14 -0.28 -27.36
C ALA B 5 -13.70 -0.17 -26.88
N GLU B 6 -13.53 -0.17 -25.56
CA GLU B 6 -12.22 -0.01 -24.94
C GLU B 6 -11.53 -1.35 -24.80
N ARG B 7 -10.41 -1.52 -25.50
CA ARG B 7 -9.64 -2.76 -25.44
C ARG B 7 -8.53 -2.65 -24.40
N ALA B 8 -8.23 -3.76 -23.72
CA ALA B 8 -7.08 -3.81 -22.82
C ALA B 8 -5.84 -4.32 -23.56
N PRO B 9 -4.71 -3.61 -23.40
CA PRO B 9 -3.48 -3.91 -24.13
C PRO B 9 -2.99 -5.32 -23.88
N GLU B 10 -2.29 -5.89 -24.85
CA GLU B 10 -1.76 -7.24 -24.70
C GLU B 10 -0.62 -7.26 -23.69
N ALA B 11 -0.47 -8.36 -22.97
CA ALA B 11 0.65 -8.50 -22.05
C ALA B 11 1.94 -8.43 -22.87
N PRO B 12 3.04 -7.99 -22.24
CA PRO B 12 4.27 -7.98 -23.03
C PRO B 12 4.72 -9.39 -23.33
N GLU B 13 5.60 -9.56 -24.30
CA GLU B 13 6.20 -10.86 -24.55
C GLU B 13 7.12 -11.19 -23.37
N GLY B 14 7.05 -12.42 -22.89
CA GLY B 14 7.94 -12.85 -21.82
C GLY B 14 7.41 -12.73 -20.40
N ALA B 15 6.15 -12.31 -20.26
CA ALA B 15 5.57 -12.17 -18.94
C ALA B 15 5.30 -13.54 -18.35
N GLY B 16 5.65 -13.74 -17.09
CA GLY B 16 5.32 -14.97 -16.41
C GLY B 16 6.38 -16.04 -16.49
N GLU B 17 7.45 -15.73 -17.22
CA GLU B 17 8.55 -16.66 -17.48
C GLU B 17 9.38 -17.03 -16.26
N VAL B 18 9.58 -16.09 -15.34
CA VAL B 18 10.47 -16.33 -14.20
C VAL B 18 9.94 -17.48 -13.34
N GLY B 19 10.86 -18.29 -12.82
CA GLY B 19 10.50 -19.42 -11.98
C GLY B 19 10.10 -18.99 -10.58
N LEU B 20 9.28 -19.81 -9.94
CA LEU B 20 8.81 -19.54 -8.59
C LEU B 20 9.99 -19.44 -7.62
N GLU B 21 10.77 -20.51 -7.54
CA GLU B 21 11.97 -20.59 -6.68
C GLU B 21 12.82 -19.32 -6.72
N GLN B 22 13.26 -18.95 -7.92
CA GLN B 22 14.10 -17.79 -8.10
C GLN B 22 13.36 -16.51 -7.69
N TRP B 23 12.09 -16.41 -8.08
CA TRP B 23 11.36 -15.21 -7.76
C TRP B 23 11.06 -15.12 -6.27
N LEU B 24 10.79 -16.26 -5.66
CA LEU B 24 10.44 -16.29 -4.26
C LEU B 24 11.62 -15.86 -3.40
N GLU B 25 12.79 -16.40 -3.69
CA GLU B 25 13.95 -16.16 -2.84
C GLU B 25 14.56 -14.77 -3.09
N THR B 26 14.56 -14.30 -4.32
CA THR B 26 14.97 -12.93 -4.59
C THR B 26 14.06 -11.95 -3.84
N SER B 27 12.75 -12.17 -3.94
CA SER B 27 11.73 -11.37 -3.26
C SER B 27 11.95 -11.35 -1.76
N LEU B 28 12.10 -12.53 -1.18
CA LEU B 28 12.28 -12.67 0.25
C LEU B 28 13.54 -11.95 0.70
N GLU B 29 14.57 -12.01 -0.12
CA GLU B 29 15.82 -11.34 0.21
C GLU B 29 15.62 -9.83 0.25
N ARG B 30 15.02 -9.29 -0.82
CA ARG B 30 14.81 -7.85 -0.95
C ARG B 30 13.94 -7.31 0.17
N ILE B 31 12.76 -7.90 0.35
CA ILE B 31 11.80 -7.37 1.31
C ILE B 31 12.33 -7.50 2.74
N ASN B 32 13.09 -8.54 3.02
CA ASN B 32 13.62 -8.72 4.37
C ASN B 32 14.66 -7.66 4.72
N ARG B 33 15.57 -7.40 3.80
CA ARG B 33 16.53 -6.31 3.99
C ARG B 33 15.79 -4.99 4.20
N GLU B 34 14.87 -4.69 3.30
CA GLU B 34 14.09 -3.47 3.39
C GLU B 34 13.27 -3.37 4.67
N ALA B 35 12.60 -4.45 5.06
CA ALA B 35 11.74 -4.39 6.23
C ALA B 35 12.52 -4.07 7.50
N ARG B 36 13.73 -4.62 7.63
CA ARG B 36 14.56 -4.43 8.82
C ARG B 36 14.86 -2.96 9.11
N LEU B 37 14.77 -2.11 8.09
CA LEU B 37 14.94 -0.67 8.24
C LEU B 37 13.71 0.01 8.81
N HIS B 38 12.58 -0.69 8.87
CA HIS B 38 11.33 -0.02 9.23
C HIS B 38 10.65 -0.66 10.41
N PHE B 39 11.02 -1.90 10.71
CA PHE B 39 10.33 -2.67 11.73
C PHE B 39 11.31 -3.27 12.71
N HIS B 40 10.86 -3.48 13.94
CA HIS B 40 11.68 -4.18 14.92
C HIS B 40 11.44 -5.68 14.79
N PRO B 41 12.52 -6.48 14.94
CA PRO B 41 12.52 -7.93 14.68
C PRO B 41 11.33 -8.69 15.27
N GLU B 42 10.80 -8.26 16.43
CA GLU B 42 9.63 -8.92 16.99
C GLU B 42 8.49 -8.97 15.99
N PHE B 43 8.21 -7.83 15.36
CA PHE B 43 7.18 -7.78 14.34
C PHE B 43 7.46 -8.73 13.15
N LEU B 44 8.67 -8.62 12.61
CA LEU B 44 9.14 -9.48 11.54
C LEU B 44 8.95 -10.97 11.87
N PHE B 45 9.30 -11.35 13.09
CA PHE B 45 9.16 -12.73 13.52
C PHE B 45 7.70 -13.10 13.79
N ARG B 46 6.87 -12.12 14.15
CA ARG B 46 5.45 -12.40 14.31
C ARG B 46 4.85 -12.88 12.99
N LEU B 47 5.22 -12.26 11.87
CA LEU B 47 4.71 -12.64 10.56
C LEU B 47 5.29 -13.96 10.11
N TRP B 48 6.59 -14.11 10.26
CA TRP B 48 7.24 -15.38 9.93
C TRP B 48 6.66 -16.54 10.74
N ASN B 49 6.56 -16.38 12.07
CA ASN B 49 6.10 -17.48 12.92
C ASN B 49 4.67 -17.90 12.62
N THR B 50 3.76 -16.95 12.40
CA THR B 50 2.39 -17.33 12.09
C THR B 50 2.37 -18.14 10.81
N CYS B 51 3.05 -17.62 9.79
CA CYS B 51 3.02 -18.27 8.48
C CYS B 51 3.58 -19.68 8.57
N VAL B 52 4.69 -19.85 9.26
CA VAL B 52 5.31 -21.18 9.32
C VAL B 52 4.57 -22.12 10.26
N GLU B 53 4.17 -21.63 11.43
CA GLU B 53 3.42 -22.48 12.37
C GLU B 53 2.04 -22.83 11.82
N HIS B 54 1.46 -21.94 11.00
CA HIS B 54 0.12 -22.19 10.53
C HIS B 54 0.06 -22.95 9.20
N TRP B 55 0.72 -22.42 8.18
CA TRP B 55 0.73 -23.07 6.87
C TRP B 55 1.69 -24.26 6.77
N HIS B 56 2.88 -24.15 7.33
CA HIS B 56 3.85 -25.24 7.23
C HIS B 56 3.55 -26.36 8.22
N ASP B 57 3.30 -26.01 9.49
CA ASP B 57 3.14 -27.04 10.52
C ASP B 57 1.71 -27.58 10.69
N ARG B 58 0.75 -26.76 11.11
CA ARG B 58 -0.64 -27.24 11.23
C ARG B 58 -1.21 -27.75 9.88
N HIS B 59 -1.18 -26.94 8.83
CA HIS B 59 -1.82 -27.30 7.57
C HIS B 59 -0.91 -28.07 6.60
N GLN B 60 0.29 -28.38 7.07
CA GLN B 60 1.19 -29.28 6.36
C GLN B 60 1.45 -28.88 4.90
N ARG B 61 1.60 -27.58 4.64
CA ARG B 61 1.95 -27.10 3.31
C ARG B 61 3.46 -27.00 3.13
N SER B 62 3.90 -26.93 1.89
CA SER B 62 5.32 -26.79 1.64
C SER B 62 5.85 -25.49 2.25
N LEU B 63 7.14 -25.48 2.59
CA LEU B 63 7.80 -24.28 3.07
C LEU B 63 7.67 -23.13 2.06
N ASP B 64 7.70 -23.46 0.78
CA ASP B 64 7.58 -22.45 -0.28
C ASP B 64 6.24 -21.74 -0.24
N TYR B 65 5.17 -22.48 0.03
CA TYR B 65 3.86 -21.89 0.16
C TYR B 65 3.82 -20.94 1.39
N ALA B 66 4.33 -21.44 2.51
CA ALA B 66 4.42 -20.65 3.73
C ALA B 66 5.24 -19.36 3.50
N LYS B 67 6.41 -19.50 2.88
CA LYS B 67 7.24 -18.34 2.50
C LYS B 67 6.50 -17.36 1.59
N TYR B 68 5.76 -17.92 0.64
CA TYR B 68 4.94 -17.11 -0.25
C TYR B 68 3.88 -16.35 0.54
N ARG B 69 3.30 -16.98 1.55
CA ARG B 69 2.27 -16.26 2.29
C ARG B 69 2.85 -15.24 3.25
N TYR B 70 4.08 -15.49 3.71
CA TYR B 70 4.83 -14.49 4.46
C TYR B 70 5.15 -13.29 3.58
N LEU B 71 5.61 -13.57 2.36
CA LEU B 71 5.91 -12.53 1.39
C LEU B 71 4.71 -11.60 1.19
N LEU B 72 3.53 -12.18 1.02
CA LEU B 72 2.29 -11.43 0.89
C LEU B 72 2.00 -10.56 2.13
N LEU B 73 2.21 -11.09 3.33
CA LEU B 73 2.01 -10.32 4.54
C LEU B 73 3.05 -9.18 4.68
N MET B 74 4.31 -9.46 4.39
CA MET B 74 5.35 -8.41 4.48
C MET B 74 5.11 -7.26 3.51
N HIS B 75 4.71 -7.60 2.28
CA HIS B 75 4.36 -6.59 1.30
C HIS B 75 3.27 -5.66 1.76
N LYS B 76 2.25 -6.21 2.41
CA LYS B 76 1.12 -5.42 2.89
C LYS B 76 1.49 -4.56 4.09
N ALA B 77 2.35 -5.11 4.93
CA ALA B 77 2.90 -4.38 6.05
C ALA B 77 3.80 -3.23 5.55
N MET B 78 4.68 -3.50 4.59
CA MET B 78 5.47 -2.44 3.96
C MET B 78 4.57 -1.36 3.32
N TYR B 79 3.50 -1.80 2.68
CA TYR B 79 2.53 -0.89 2.09
C TYR B 79 1.88 0.04 3.12
N THR B 80 1.35 -0.56 4.18
CA THR B 80 0.75 0.22 5.25
C THR B 80 1.70 1.29 5.75
N HIS B 81 2.88 0.85 6.17
CA HIS B 81 3.88 1.72 6.75
C HIS B 81 4.25 2.91 5.87
N MET B 82 4.48 2.68 4.57
CA MET B 82 4.91 3.76 3.70
C MET B 82 3.78 4.71 3.34
N GLN B 83 2.55 4.21 3.28
CA GLN B 83 1.39 5.08 3.10
C GLN B 83 1.20 6.00 4.30
N GLN B 84 1.57 5.51 5.49
CA GLN B 84 1.46 6.30 6.72
C GLN B 84 2.47 7.44 6.76
N GLY B 85 3.61 7.24 6.11
CA GLY B 85 4.65 8.24 6.12
C GLY B 85 5.89 7.77 6.84
N CYS B 86 6.96 7.60 6.08
CA CYS B 86 8.23 7.14 6.60
C CYS B 86 9.10 8.34 7.04
N PRO B 87 9.53 8.35 8.32
CA PRO B 87 10.48 9.36 8.80
C PRO B 87 11.74 9.47 7.92
N CYS B 88 12.31 8.33 7.53
CA CYS B 88 13.47 8.30 6.63
C CYS B 88 13.09 7.74 5.25
N MET C 4 9.88 -8.01 -24.44
CA MET C 4 8.98 -6.89 -24.14
C MET C 4 8.72 -6.71 -22.63
N GLN C 5 8.83 -7.79 -21.86
CA GLN C 5 8.61 -7.75 -20.40
C GLN C 5 9.89 -7.44 -19.64
N GLN C 6 9.89 -6.37 -18.83
CA GLN C 6 11.03 -6.06 -17.98
C GLN C 6 11.25 -7.22 -17.02
N ALA C 7 12.44 -7.80 -17.06
CA ALA C 7 12.73 -9.02 -16.31
C ALA C 7 12.86 -8.81 -14.82
N ASP C 8 13.05 -7.56 -14.39
CA ASP C 8 13.21 -7.32 -12.96
C ASP C 8 11.85 -7.17 -12.26
N SER C 9 10.83 -6.79 -13.03
CA SER C 9 9.49 -6.64 -12.47
C SER C 9 8.60 -7.86 -12.76
N ASP C 10 9.18 -8.90 -13.37
CA ASP C 10 8.43 -10.10 -13.73
C ASP C 10 8.12 -10.97 -12.50
N GLN C 11 6.99 -11.65 -12.55
CA GLN C 11 6.54 -12.56 -11.49
C GLN C 11 6.10 -13.87 -12.13
N PRO C 12 6.08 -14.96 -11.33
CA PRO C 12 5.58 -16.22 -11.91
C PRO C 12 4.11 -16.14 -12.30
N SER C 13 3.74 -16.84 -13.37
CA SER C 13 2.36 -16.88 -13.81
C SER C 13 1.53 -17.80 -12.93
N LYS C 14 2.13 -18.94 -12.55
CA LYS C 14 1.50 -19.84 -11.58
C LYS C 14 1.74 -19.32 -10.18
N ARG C 15 0.66 -19.19 -9.41
CA ARG C 15 0.77 -18.72 -8.05
C ARG C 15 0.62 -19.92 -7.14
N PRO C 16 1.40 -19.94 -6.05
CA PRO C 16 1.26 -21.03 -5.09
C PRO C 16 -0.14 -21.06 -4.46
N ARG C 17 -0.80 -22.21 -4.55
CA ARG C 17 -2.13 -22.38 -3.98
C ARG C 17 -2.06 -23.43 -2.90
N PHE C 18 -2.81 -23.20 -1.83
CA PHE C 18 -2.90 -24.12 -0.70
C PHE C 18 -3.08 -25.55 -1.15
N ASP C 19 -4.16 -25.78 -1.91
CA ASP C 19 -4.50 -27.17 -2.25
C ASP C 19 -3.54 -27.78 -3.27
N ASP C 20 -2.61 -26.99 -3.77
CA ASP C 20 -1.62 -27.46 -4.73
C ASP C 20 -0.23 -27.52 -4.11
N SER C 21 -0.13 -27.34 -2.79
CA SER C 21 1.16 -27.20 -2.14
C SER C 21 1.35 -28.03 -0.87
N PRO C 22 1.24 -29.36 -0.99
CA PRO C 22 1.47 -30.24 0.17
C PRO C 22 2.94 -30.40 0.49
N ARG C 23 3.26 -30.63 1.76
CA ARG C 23 4.62 -30.86 2.19
C ARG C 23 4.99 -32.30 1.87
N THR C 24 6.17 -32.51 1.29
CA THR C 24 6.56 -33.85 0.81
C THR C 24 7.11 -34.87 1.83
N PRO C 25 7.68 -34.40 2.98
CA PRO C 25 7.97 -35.39 4.03
C PRO C 25 6.74 -36.17 4.51
N PRO C 37 14.49 -19.30 9.29
CA PRO C 37 15.56 -19.21 8.30
C PRO C 37 15.73 -17.84 7.68
N GLY C 38 14.63 -17.17 7.30
CA GLY C 38 14.69 -15.91 6.58
C GLY C 38 15.63 -14.83 7.11
N VAL C 39 15.32 -14.30 8.30
CA VAL C 39 16.09 -13.23 8.92
C VAL C 39 16.65 -13.77 10.24
N GLU C 40 17.50 -13.00 10.94
CA GLU C 40 18.14 -13.49 12.16
C GLU C 40 17.69 -12.80 13.45
N LEU C 41 17.77 -13.57 14.54
CA LEU C 41 17.50 -13.10 15.88
C LEU C 41 18.43 -11.97 16.29
N HIS C 42 18.04 -11.25 17.33
CA HIS C 42 18.90 -10.27 17.98
C HIS C 42 20.08 -10.99 18.62
N PRO C 43 21.26 -10.35 18.65
CA PRO C 43 22.49 -10.90 19.27
C PRO C 43 22.37 -11.29 20.74
N ASP C 44 21.66 -10.52 21.55
CA ASP C 44 21.53 -10.88 22.97
C ASP C 44 20.11 -11.33 23.32
N TYR C 45 20.03 -12.54 23.86
CA TYR C 45 18.79 -13.17 24.25
C TYR C 45 17.88 -12.24 25.04
N LYS C 46 18.47 -11.39 25.87
CA LYS C 46 17.72 -10.53 26.78
C LYS C 46 16.65 -9.69 26.07
N THR C 47 16.93 -9.27 24.83
CA THR C 47 16.00 -8.39 24.09
C THR C 47 14.84 -9.10 23.37
N TRP C 48 14.81 -10.43 23.40
CA TRP C 48 13.82 -11.21 22.65
C TRP C 48 12.43 -11.13 23.27
N GLY C 49 11.43 -10.80 22.46
CA GLY C 49 10.04 -10.99 22.83
C GLY C 49 9.65 -12.46 22.72
N PRO C 50 8.42 -12.78 23.10
CA PRO C 50 8.02 -14.19 22.99
C PRO C 50 8.00 -14.68 21.55
N GLU C 51 7.91 -13.77 20.60
CA GLU C 51 7.91 -14.18 19.21
C GLU C 51 9.31 -14.65 18.80
N GLN C 52 10.34 -13.90 19.16
CA GLN C 52 11.69 -14.34 18.89
C GLN C 52 12.05 -15.60 19.69
N VAL C 53 11.42 -15.79 20.85
CA VAL C 53 11.68 -16.97 21.65
C VAL C 53 11.11 -18.20 20.95
N CYS C 54 9.90 -18.07 20.40
CA CYS C 54 9.27 -19.13 19.64
C CYS C 54 10.10 -19.55 18.40
N PHE C 55 10.64 -18.59 17.64
CA PHE C 55 11.52 -18.93 16.53
C PHE C 55 12.71 -19.71 17.05
N PHE C 56 13.25 -19.27 18.18
CA PHE C 56 14.39 -19.94 18.78
C PHE C 56 14.03 -21.38 19.19
N LEU C 57 12.90 -21.53 19.87
CA LEU C 57 12.43 -22.85 20.29
C LEU C 57 12.15 -23.77 19.10
N ARG C 58 11.67 -23.21 17.99
CA ARG C 58 11.30 -24.05 16.85
C ARG C 58 12.56 -24.60 16.17
N ARG C 59 13.63 -23.81 16.14
CA ARG C 59 14.90 -24.22 15.58
C ARG C 59 15.50 -25.40 16.34
N GLY C 60 15.08 -25.59 17.60
CA GLY C 60 15.59 -26.67 18.41
C GLY C 60 14.73 -27.93 18.32
N GLY C 61 13.61 -27.84 17.63
CA GLY C 61 12.73 -28.98 17.46
C GLY C 61 11.64 -29.02 18.49
N PHE C 62 11.40 -27.89 19.14
CA PHE C 62 10.40 -27.81 20.21
C PHE C 62 9.22 -26.93 19.87
N GLY C 63 8.81 -26.97 18.61
CA GLY C 63 7.68 -26.17 18.16
C GLY C 63 6.36 -26.88 18.34
N GLU C 64 6.23 -27.71 19.37
CA GLU C 64 4.93 -28.27 19.69
C GLU C 64 3.96 -27.10 19.87
N PRO C 65 2.83 -27.13 19.16
CA PRO C 65 1.92 -25.97 19.15
C PRO C 65 1.41 -25.59 20.54
N ALA C 66 1.38 -26.53 21.48
CA ALA C 66 0.94 -26.21 22.84
C ALA C 66 1.97 -25.36 23.58
N LEU C 67 3.24 -25.75 23.48
CA LEU C 67 4.34 -25.03 24.14
C LEU C 67 4.44 -23.57 23.72
N LEU C 68 4.35 -23.31 22.41
CA LEU C 68 4.46 -21.96 21.88
C LEU C 68 3.24 -21.12 22.24
N LYS C 69 2.10 -21.78 22.45
CA LYS C 69 0.89 -21.09 22.88
C LYS C 69 1.10 -20.53 24.29
N ASN C 70 1.63 -21.37 25.18
CA ASN C 70 1.95 -20.96 26.55
C ASN C 70 2.99 -19.85 26.58
N ILE C 71 4.04 -20.00 25.76
CA ILE C 71 5.07 -18.98 25.64
C ILE C 71 4.43 -17.62 25.34
N ARG C 72 3.39 -17.62 24.53
CA ARG C 72 2.72 -16.37 24.15
C ARG C 72 1.76 -15.87 25.26
N GLU C 73 0.99 -16.78 25.84
CA GLU C 73 0.01 -16.42 26.87
C GLU C 73 0.70 -15.96 28.13
N ASN C 74 1.78 -16.63 28.49
CA ASN C 74 2.57 -16.28 29.65
C ASN C 74 3.63 -15.26 29.32
N LYS C 75 3.65 -14.83 28.09
CA LYS C 75 4.44 -13.68 27.72
C LYS C 75 5.88 -13.88 28.09
N ILE C 76 6.36 -15.09 27.89
CA ILE C 76 7.71 -15.39 28.27
C ILE C 76 8.67 -14.79 27.28
N THR C 77 9.56 -13.98 27.79
CA THR C 77 10.54 -13.26 27.01
C THR C 77 11.84 -14.04 27.00
N GLY C 78 12.87 -13.47 26.36
CA GLY C 78 14.16 -14.14 26.27
C GLY C 78 14.95 -14.00 27.55
N ALA C 79 14.79 -12.87 28.22
CA ALA C 79 15.43 -12.66 29.51
C ALA C 79 15.02 -13.78 30.47
N LEU C 80 13.72 -14.06 30.52
CA LEU C 80 13.15 -15.14 31.32
C LEU C 80 13.70 -16.50 30.94
N LEU C 81 14.01 -16.68 29.66
CA LEU C 81 14.23 -18.01 29.11
C LEU C 81 15.30 -18.86 29.82
N PRO C 82 16.40 -18.25 30.32
CA PRO C 82 17.29 -19.10 31.13
C PRO C 82 16.75 -19.60 32.50
N CYS C 83 15.73 -18.97 33.09
CA CYS C 83 15.35 -19.28 34.47
C CYS C 83 14.35 -20.45 34.66
N LEU C 84 14.24 -21.37 33.71
CA LEU C 84 13.13 -22.34 33.74
C LEU C 84 13.46 -23.79 34.06
N ASP C 85 12.44 -24.50 34.52
CA ASP C 85 12.55 -25.87 35.03
C ASP C 85 11.55 -26.80 34.32
N GLU C 86 11.75 -28.11 34.45
CA GLU C 86 10.86 -29.08 33.79
C GLU C 86 9.43 -29.05 34.32
N SER C 87 9.24 -28.58 35.55
CA SER C 87 7.90 -28.43 36.11
C SER C 87 7.14 -27.30 35.41
N HIS C 88 7.86 -26.21 35.13
CA HIS C 88 7.31 -25.14 34.31
C HIS C 88 6.88 -25.72 32.99
N PHE C 89 7.76 -26.52 32.41
CA PHE C 89 7.54 -27.05 31.07
C PHE C 89 6.35 -28.02 31.03
N GLU C 90 6.07 -28.66 32.16
CA GLU C 90 4.84 -29.44 32.27
C GLU C 90 3.66 -28.47 32.30
N ASN C 91 3.72 -27.50 33.22
CA ASN C 91 2.67 -26.48 33.37
C ASN C 91 2.56 -25.58 32.14
N SER C 96 5.22 -35.51 29.28
CA SER C 96 6.28 -35.74 28.31
C SER C 96 7.64 -35.44 28.93
N LEU C 97 7.98 -36.20 29.98
CA LEU C 97 9.19 -35.96 30.77
C LEU C 97 10.49 -35.97 29.96
N GLY C 98 10.55 -36.81 28.93
CA GLY C 98 11.75 -36.95 28.13
C GLY C 98 12.05 -35.72 27.30
N GLU C 99 10.99 -35.15 26.71
CA GLU C 99 11.12 -33.93 25.93
C GLU C 99 11.62 -32.78 26.80
N ARG C 100 11.03 -32.62 27.99
CA ARG C 100 11.39 -31.54 28.94
C ARG C 100 12.87 -31.56 29.29
N LYS C 101 13.44 -32.76 29.31
CA LYS C 101 14.86 -32.93 29.58
C LYS C 101 15.69 -32.39 28.41
N LYS C 102 15.25 -32.70 27.20
CA LYS C 102 15.92 -32.24 25.99
C LYS C 102 15.84 -30.71 25.83
N LEU C 103 14.66 -30.14 26.09
CA LEU C 103 14.45 -28.70 26.00
C LEU C 103 15.29 -27.94 27.01
N LEU C 104 15.33 -28.47 28.23
CA LEU C 104 16.14 -27.91 29.30
C LEU C 104 17.61 -27.96 28.90
N SER C 105 17.99 -29.06 28.26
CA SER C 105 19.33 -29.22 27.72
C SER C 105 19.60 -28.26 26.55
N TYR C 106 18.64 -28.13 25.64
CA TYR C 106 18.78 -27.23 24.48
C TYR C 106 19.07 -25.81 24.93
N ILE C 107 18.24 -25.28 25.83
CA ILE C 107 18.41 -23.91 26.30
C ILE C 107 19.75 -23.72 27.02
N GLN C 108 20.18 -24.76 27.74
CA GLN C 108 21.46 -24.69 28.45
C GLN C 108 22.61 -24.54 27.47
N ARG C 109 22.72 -25.46 26.51
CA ARG C 109 23.89 -25.51 25.64
C ARG C 109 23.97 -24.41 24.59
N SER C 110 22.92 -23.60 24.46
CA SER C 110 22.78 -22.66 23.34
C SER C 110 23.70 -21.43 23.41
N GLY C 111 23.71 -20.64 22.34
CA GLY C 111 24.59 -19.51 22.19
C GLY C 111 24.31 -18.30 23.07
N GLN C 112 23.09 -17.78 23.02
CA GLN C 112 22.74 -16.63 23.86
C GLN C 112 21.48 -16.90 24.69
ZN ZN D . 10.08 3.71 7.79
#